data_9IZO
#
_entry.id   9IZO
#
_cell.length_a   75.510
_cell.length_b   75.510
_cell.length_c   399.409
_cell.angle_alpha   90.000
_cell.angle_beta   90.000
_cell.angle_gamma   120.000
#
_symmetry.space_group_name_H-M   'P 65 2 2'
#
loop_
_entity.id
_entity.type
_entity.pdbx_description
1 polymer 'Maltodextrin glucosidase'
2 non-polymer (2~{S},3~{R},4~{S},5~{R},6~{R})-5-[[(1~{S},4~{R},5~{S},6~{S})-3-(hydroxymethyl)-4,5,6-tris(oxidanyl)cyclohex-2-en-1-yl]amino]-6-methyl-oxane-2,3,4-triol
3 water water
#
_entity_poly.entity_id   1
_entity_poly.type   'polypeptide(L)'
_entity_poly.pdbx_seq_one_letter_code
;MLKAWHLPVAPFIKEQQERLMITLWLSGDDLPPRVTLRAEEDNEELSLPMHRLRQAPHPGVVAWRGEINLVNGQPRRRYS
FKLLWADRQLWFTPQEFNRFPPARLEQFAVDLPDSGPQWVADQVFYQIFPDRFARSQSREAEQDATYYHHAAGHDIVRKA
WDEPLTAEAGGSTFYGGDLDGISEKLPYLKQLGVTALYLNPVFVAPSVHKYDTEDYRRVDPQFGGDAALLRLRHNTQKEG
MRLILDGVFNHSGDSHAWFDRHQRGSGGACHNADSPWRDWYNFSPEGVAHDWLGYASLPKLDYRSSTLIDEIYGGEDSVV
RHWLKAPWSMDGWRLAVVHMLGEGGGARNNLRHIAGITQAAKLERPDAFVFGEHFGDARQWLQADVEDSAMNYRGFTFPL
WGFLANTDISYDPQKIDAQTCMAWMDNYRAGLSHQQQLRMFNQLDSHDTARFKSLLGKDVARLPLAVVWLFSWPGVPCIY
YGDEVGVDGNNDPFCRKPFPWDPALQDGDLLDLYKRMSKLRKAHQALRYGGCQVIYAEDNVVVFVRVYKQQRVLVAINRG
EACEVVIEDSPLLDVNGWQLKEGAGALHDGVLTLPAISASVWFSR
;
_entity_poly.pdbx_strand_id   A
#
# COMPACT_ATOMS: atom_id res chain seq x y z
N LEU A 2 -22.56 -20.00 18.06
CA LEU A 2 -22.97 -18.72 17.49
C LEU A 2 -22.02 -18.29 16.37
N LYS A 3 -22.58 -17.83 15.25
CA LYS A 3 -21.78 -17.39 14.13
C LYS A 3 -22.33 -16.09 13.58
N ALA A 4 -21.43 -15.28 13.01
CA ALA A 4 -21.81 -14.01 12.43
C ALA A 4 -20.99 -13.78 11.16
N TRP A 5 -21.55 -13.02 10.23
CA TRP A 5 -20.81 -12.60 9.05
C TRP A 5 -21.19 -11.17 8.70
N HIS A 6 -20.19 -10.41 8.30
CA HIS A 6 -20.47 -9.12 7.70
C HIS A 6 -19.19 -8.59 7.08
N LEU A 7 -19.32 -8.03 5.89
CA LEU A 7 -18.20 -7.35 5.24
C LEU A 7 -18.67 -5.99 4.78
N PRO A 8 -17.77 -5.02 4.74
CA PRO A 8 -18.15 -3.64 4.41
C PRO A 8 -18.38 -3.40 2.92
N VAL A 9 -19.19 -4.26 2.31
CA VAL A 9 -19.38 -4.26 0.85
C VAL A 9 -20.62 -5.08 0.52
N ALA A 10 -21.17 -4.91 -0.69
CA ALA A 10 -22.27 -5.77 -1.11
C ALA A 10 -21.83 -7.23 -1.09
N PRO A 11 -22.72 -8.16 -0.73
CA PRO A 11 -24.16 -8.00 -0.49
C PRO A 11 -24.59 -7.44 0.91
N PHE A 12 -23.64 -7.06 1.77
CA PHE A 12 -24.01 -6.70 3.14
C PHE A 12 -24.42 -5.25 3.30
N ILE A 13 -24.03 -4.37 2.39
CA ILE A 13 -24.40 -2.97 2.48
C ILE A 13 -24.92 -2.52 1.12
N LYS A 14 -25.90 -1.62 1.15
CA LYS A 14 -26.50 -1.05 -0.04
C LYS A 14 -26.89 0.39 0.27
N GLU A 15 -26.46 1.32 -0.58
CA GLU A 15 -26.83 2.71 -0.46
C GLU A 15 -28.08 3.00 -1.29
N GLN A 16 -29.04 3.68 -0.68
CA GLN A 16 -30.35 3.92 -1.28
C GLN A 16 -30.98 5.14 -0.65
N GLN A 17 -31.21 6.17 -1.45
CA GLN A 17 -31.98 7.35 -1.04
C GLN A 17 -31.42 7.96 0.26
N GLU A 18 -30.13 8.29 0.20
CA GLU A 18 -29.41 8.93 1.30
C GLU A 18 -29.42 8.10 2.58
N ARG A 19 -29.56 6.79 2.44
CA ARG A 19 -29.44 5.85 3.55
C ARG A 19 -28.44 4.78 3.18
N LEU A 20 -27.68 4.33 4.18
CA LEU A 20 -26.77 3.20 4.05
C LEU A 20 -27.40 2.00 4.75
N MET A 21 -27.92 1.06 3.98
CA MET A 21 -28.51 -0.12 4.58
C MET A 21 -27.45 -1.15 4.92
N ILE A 22 -27.58 -1.74 6.10
CA ILE A 22 -26.54 -2.59 6.70
C ILE A 22 -27.17 -3.91 7.08
N THR A 23 -26.55 -4.99 6.62
CA THR A 23 -27.08 -6.33 6.83
C THR A 23 -26.06 -7.17 7.58
N LEU A 24 -26.53 -7.84 8.64
CA LEU A 24 -25.73 -8.77 9.41
C LEU A 24 -26.30 -10.18 9.26
N TRP A 25 -25.42 -11.16 9.06
CA TRP A 25 -25.79 -12.57 9.03
C TRP A 25 -25.46 -13.19 10.38
N LEU A 26 -26.39 -13.96 10.92
CA LEU A 26 -26.17 -14.71 12.15
C LEU A 26 -26.63 -16.14 11.93
N SER A 27 -25.97 -17.06 12.63
CA SER A 27 -26.42 -18.44 12.63
C SER A 27 -26.07 -19.06 13.96
N GLY A 28 -26.90 -19.98 14.43
CA GLY A 28 -26.60 -20.68 15.67
C GLY A 28 -27.84 -21.00 16.46
N ASP A 29 -27.61 -21.64 17.62
CA ASP A 29 -28.69 -22.19 18.41
C ASP A 29 -29.21 -21.27 19.52
N ASP A 30 -28.67 -20.07 19.68
CA ASP A 30 -29.12 -19.20 20.76
C ASP A 30 -29.01 -17.76 20.27
N LEU A 31 -29.78 -17.44 19.23
CA LEU A 31 -29.64 -16.15 18.57
C LEU A 31 -30.19 -15.02 19.43
N PRO A 32 -29.62 -13.83 19.31
CA PRO A 32 -30.13 -12.70 20.06
C PRO A 32 -31.51 -12.30 19.55
N PRO A 33 -32.47 -12.09 20.45
CA PRO A 33 -33.77 -11.55 20.02
C PRO A 33 -33.72 -10.09 19.62
N ARG A 34 -32.65 -9.37 19.93
CA ARG A 34 -32.51 -8.01 19.45
C ARG A 34 -31.07 -7.82 18.98
N VAL A 35 -30.89 -6.92 18.03
CA VAL A 35 -29.55 -6.50 17.63
C VAL A 35 -29.57 -5.01 17.39
N THR A 36 -28.60 -4.31 17.96
CA THR A 36 -28.46 -2.88 17.74
C THR A 36 -27.32 -2.64 16.77
N LEU A 37 -27.56 -1.77 15.80
CA LEU A 37 -26.53 -1.26 14.91
C LEU A 37 -25.88 -0.07 15.61
N ARG A 38 -24.70 -0.27 16.16
CA ARG A 38 -23.92 0.83 16.72
C ARG A 38 -23.26 1.60 15.57
N ALA A 39 -23.75 2.78 15.28
CA ALA A 39 -23.19 3.61 14.24
C ALA A 39 -22.70 4.92 14.88
N GLU A 40 -22.36 5.89 14.06
CA GLU A 40 -21.72 7.09 14.58
C GLU A 40 -22.05 8.25 13.66
N GLU A 41 -22.46 9.37 14.23
CA GLU A 41 -22.70 10.59 13.46
C GLU A 41 -21.95 11.74 14.11
N ASP A 42 -20.99 12.31 13.38
CA ASP A 42 -20.15 13.38 13.88
C ASP A 42 -19.56 13.01 15.23
N ASN A 43 -19.06 11.76 15.31
CA ASN A 43 -18.37 11.16 16.44
C ASN A 43 -19.32 10.78 17.59
N GLU A 44 -20.61 11.08 17.48
CA GLU A 44 -21.58 10.68 18.51
C GLU A 44 -22.01 9.24 18.28
N GLU A 45 -21.81 8.38 19.28
CA GLU A 45 -22.27 7.00 19.15
C GLU A 45 -23.79 6.97 19.02
N LEU A 46 -24.28 6.17 18.08
CA LEU A 46 -25.72 6.00 17.87
C LEU A 46 -26.10 4.55 18.13
N SER A 47 -27.30 4.35 18.68
CA SER A 47 -27.90 3.01 18.83
C SER A 47 -29.05 2.87 17.84
N LEU A 48 -28.78 2.28 16.70
CA LEU A 48 -29.84 2.17 15.68
C LEU A 48 -30.50 0.79 15.75
N PRO A 49 -31.83 0.73 15.75
CA PRO A 49 -32.51 -0.57 15.77
C PRO A 49 -32.28 -1.36 14.48
N MET A 50 -32.21 -2.69 14.61
CA MET A 50 -32.20 -3.58 13.46
C MET A 50 -33.42 -4.50 13.54
N HIS A 51 -33.85 -5.04 12.39
CA HIS A 51 -35.00 -5.93 12.34
C HIS A 51 -34.67 -7.16 11.50
N ARG A 52 -35.22 -8.31 11.91
CA ARG A 52 -34.99 -9.55 11.17
C ARG A 52 -35.64 -9.47 9.80
N LEU A 53 -34.93 -9.95 8.80
CA LEU A 53 -35.55 -10.13 7.49
C LEU A 53 -36.29 -11.45 7.46
N ARG A 54 -37.45 -11.46 6.82
CA ARG A 54 -38.28 -12.66 6.76
C ARG A 54 -37.60 -13.78 5.97
N GLN A 55 -36.87 -13.45 4.93
CA GLN A 55 -36.24 -14.44 4.07
C GLN A 55 -34.79 -14.67 4.49
N ALA A 56 -34.45 -15.93 4.77
CA ALA A 56 -33.06 -16.30 5.04
C ALA A 56 -32.19 -16.08 3.80
N PRO A 57 -31.04 -15.39 3.91
CA PRO A 57 -30.20 -15.19 2.73
C PRO A 57 -29.48 -16.46 2.29
N HIS A 58 -29.24 -17.38 3.20
CA HIS A 58 -28.56 -18.66 2.97
C HIS A 58 -29.10 -19.64 3.97
N PRO A 59 -28.96 -20.94 3.70
CA PRO A 59 -29.46 -21.94 4.66
C PRO A 59 -28.93 -21.70 6.06
N GLY A 60 -29.83 -21.79 7.04
CA GLY A 60 -29.47 -21.67 8.44
C GLY A 60 -28.98 -20.32 8.89
N VAL A 61 -29.16 -19.27 8.09
CA VAL A 61 -28.65 -17.94 8.40
C VAL A 61 -29.83 -17.00 8.59
N VAL A 62 -29.78 -16.21 9.67
CA VAL A 62 -30.76 -15.16 9.94
C VAL A 62 -30.10 -13.82 9.66
N ALA A 63 -30.77 -12.98 8.89
CA ALA A 63 -30.26 -11.66 8.51
C ALA A 63 -30.98 -10.59 9.32
N TRP A 64 -30.20 -9.69 9.90
CA TRP A 64 -30.71 -8.47 10.50
C TRP A 64 -30.31 -7.30 9.61
N ARG A 65 -31.16 -6.28 9.59
CA ARG A 65 -30.92 -5.14 8.73
C ARG A 65 -31.21 -3.84 9.47
N GLY A 66 -30.32 -2.87 9.30
CA GLY A 66 -30.48 -1.55 9.82
C GLY A 66 -30.15 -0.50 8.78
N GLU A 67 -29.94 0.73 9.22
CA GLU A 67 -29.93 1.86 8.30
C GLU A 67 -29.19 3.02 8.94
N ILE A 68 -28.19 3.54 8.24
CA ILE A 68 -27.49 4.75 8.63
C ILE A 68 -27.97 5.89 7.75
N ASN A 69 -28.42 6.96 8.38
CA ASN A 69 -28.81 8.17 7.66
C ASN A 69 -27.56 8.91 7.19
N LEU A 70 -27.45 9.15 5.88
CA LEU A 70 -26.24 9.74 5.31
C LEU A 70 -26.30 11.25 5.12
N VAL A 71 -27.47 11.87 5.31
CA VAL A 71 -27.60 13.29 4.96
C VAL A 71 -26.73 14.16 5.87
N ASN A 72 -26.56 13.77 7.14
CA ASN A 72 -25.65 14.44 8.08
C ASN A 72 -24.44 13.55 8.33
N GLY A 73 -23.47 14.07 9.09
CA GLY A 73 -22.33 13.30 9.49
C GLY A 73 -21.18 13.34 8.48
N GLN A 74 -20.01 12.92 8.94
CA GLN A 74 -18.81 12.99 8.12
C GLN A 74 -18.76 11.82 7.14
N PRO A 75 -17.93 11.92 6.09
CA PRO A 75 -17.96 10.86 5.05
C PRO A 75 -17.67 9.47 5.59
N ARG A 76 -16.81 9.33 6.61
CA ARG A 76 -16.42 7.99 7.07
C ARG A 76 -17.44 7.48 8.10
N ARG A 77 -18.10 6.38 7.77
CA ARG A 77 -19.20 5.82 8.55
C ARG A 77 -18.69 4.55 9.22
N ARG A 78 -18.54 4.61 10.55
CA ARG A 78 -18.03 3.51 11.36
C ARG A 78 -19.20 2.85 12.09
N TYR A 79 -19.15 1.53 12.19
CA TYR A 79 -20.28 0.82 12.76
C TYR A 79 -19.83 -0.56 13.20
N SER A 80 -20.62 -1.13 14.12
CA SER A 80 -20.44 -2.49 14.59
C SER A 80 -21.79 -2.98 15.09
N PHE A 81 -21.83 -4.20 15.59
CA PHE A 81 -23.09 -4.87 15.90
C PHE A 81 -23.11 -5.29 17.36
N LYS A 82 -24.19 -4.92 18.05
CA LYS A 82 -24.36 -5.14 19.48
C LYS A 82 -25.50 -6.14 19.66
N LEU A 83 -25.14 -7.42 19.77
CA LEU A 83 -26.13 -8.48 19.93
C LEU A 83 -26.60 -8.49 21.38
N LEU A 84 -27.92 -8.51 21.58
CA LEU A 84 -28.53 -8.34 22.90
C LEU A 84 -29.43 -9.53 23.22
N TRP A 85 -29.13 -10.21 24.33
CA TRP A 85 -30.02 -11.16 24.97
C TRP A 85 -30.60 -10.55 26.24
N ALA A 86 -31.45 -11.31 26.92
CA ALA A 86 -32.13 -10.79 28.11
C ALA A 86 -31.13 -10.41 29.20
N ASP A 87 -30.03 -11.17 29.33
CA ASP A 87 -29.07 -10.97 30.41
C ASP A 87 -27.69 -10.51 29.97
N ARG A 88 -27.41 -10.39 28.68
CA ARG A 88 -26.03 -10.19 28.29
C ARG A 88 -25.99 -9.61 26.89
N GLN A 89 -24.78 -9.29 26.44
CA GLN A 89 -24.57 -8.72 25.12
C GLN A 89 -23.27 -9.27 24.55
N LEU A 90 -23.10 -9.09 23.24
CA LEU A 90 -21.87 -9.46 22.58
C LEU A 90 -21.75 -8.63 21.31
N TRP A 91 -20.53 -8.17 21.02
CA TRP A 91 -20.26 -7.30 19.89
C TRP A 91 -19.72 -8.12 18.73
N PHE A 92 -20.08 -7.73 17.50
CA PHE A 92 -19.48 -8.30 16.31
C PHE A 92 -18.72 -7.22 15.55
N THR A 93 -17.47 -7.52 15.22
CA THR A 93 -16.47 -6.55 14.81
C THR A 93 -15.66 -7.09 13.64
N PRO A 94 -14.85 -6.25 12.99
CA PRO A 94 -13.85 -6.76 12.03
C PRO A 94 -12.97 -7.86 12.61
N GLN A 95 -12.80 -7.88 13.94
CA GLN A 95 -11.99 -8.93 14.53
C GLN A 95 -12.84 -9.92 15.30
N GLU A 96 -13.96 -10.35 14.69
CA GLU A 96 -14.84 -11.38 15.24
C GLU A 96 -15.64 -10.86 16.43
N PHE A 97 -15.99 -11.75 17.35
CA PHE A 97 -16.79 -11.35 18.49
C PHE A 97 -15.91 -10.69 19.55
N ASN A 98 -16.46 -9.67 20.23
CA ASN A 98 -15.79 -9.00 21.35
C ASN A 98 -16.71 -8.98 22.56
N ARG A 99 -16.20 -9.42 23.72
CA ARG A 99 -17.02 -9.40 24.94
C ARG A 99 -17.09 -7.99 25.56
N PHE A 100 -16.11 -7.14 25.31
CA PHE A 100 -16.27 -5.75 25.66
C PHE A 100 -16.24 -4.89 24.40
N PRO A 101 -16.69 -3.63 24.47
CA PRO A 101 -16.88 -2.86 23.24
C PRO A 101 -15.59 -2.71 22.46
N PRO A 102 -15.67 -2.68 21.13
CA PRO A 102 -14.46 -2.47 20.31
C PRO A 102 -14.00 -1.03 20.38
N ALA A 103 -12.74 -0.81 20.01
CA ALA A 103 -12.28 0.56 19.84
C ALA A 103 -13.06 1.21 18.72
N ARG A 104 -13.40 2.49 18.90
CA ARG A 104 -14.09 3.23 17.86
C ARG A 104 -13.33 3.19 16.54
N LEU A 105 -12.00 3.20 16.58
CA LEU A 105 -11.18 3.20 15.38
C LEU A 105 -10.91 1.80 14.83
N GLU A 106 -11.49 0.77 15.44
CA GLU A 106 -11.39 -0.61 14.94
C GLU A 106 -12.76 -1.19 14.61
N GLN A 107 -13.66 -0.38 14.11
CA GLN A 107 -14.96 -0.85 13.66
C GLN A 107 -14.93 -1.08 12.14
N PHE A 108 -16.01 -1.67 11.63
CA PHE A 108 -16.24 -1.58 10.19
C PHE A 108 -16.39 -0.11 9.83
N ALA A 109 -15.87 0.27 8.67
CA ALA A 109 -15.99 1.65 8.23
C ALA A 109 -16.11 1.67 6.71
N VAL A 110 -17.00 2.53 6.22
CA VAL A 110 -17.22 2.73 4.79
C VAL A 110 -17.26 4.23 4.55
N ASP A 111 -16.51 4.70 3.56
CA ASP A 111 -16.41 6.13 3.28
C ASP A 111 -17.43 6.50 2.23
N LEU A 112 -18.45 7.32 2.63
CA LEU A 112 -19.59 7.75 1.81
C LEU A 112 -19.98 9.21 2.06
N PRO A 113 -19.66 10.13 1.15
CA PRO A 113 -19.02 9.89 -0.14
C PRO A 113 -17.53 9.60 -0.01
N ASP A 114 -16.99 8.88 -0.99
CA ASP A 114 -15.57 8.57 -1.06
C ASP A 114 -14.88 9.65 -1.87
N SER A 115 -14.15 10.54 -1.21
CA SER A 115 -13.39 11.57 -1.89
C SER A 115 -11.95 11.16 -2.17
N GLY A 116 -11.61 9.87 -2.02
CA GLY A 116 -10.27 9.41 -2.28
C GLY A 116 -10.08 9.07 -3.75
N PRO A 117 -8.84 8.70 -4.15
CA PRO A 117 -8.56 8.38 -5.56
C PRO A 117 -9.09 7.01 -5.96
N GLN A 118 -10.30 6.99 -6.55
CA GLN A 118 -10.95 5.71 -6.81
C GLN A 118 -10.24 4.89 -7.89
N TRP A 119 -9.38 5.52 -8.70
CA TRP A 119 -8.67 4.77 -9.71
C TRP A 119 -7.63 3.82 -9.12
N VAL A 120 -7.14 4.09 -7.90
CA VAL A 120 -6.00 3.34 -7.36
C VAL A 120 -6.33 1.86 -7.28
N ALA A 121 -7.54 1.52 -6.87
CA ALA A 121 -7.90 0.12 -6.69
C ALA A 121 -7.91 -0.67 -8.02
N ASP A 122 -7.89 0.00 -9.18
CA ASP A 122 -7.85 -0.72 -10.46
C ASP A 122 -6.43 -0.87 -11.01
N GLN A 123 -5.41 -0.52 -10.24
CA GLN A 123 -4.04 -0.44 -10.75
C GLN A 123 -3.24 -1.69 -10.41
N VAL A 124 -2.22 -1.94 -11.24
CA VAL A 124 -1.06 -2.74 -10.87
C VAL A 124 0.13 -1.81 -10.97
N PHE A 125 0.80 -1.60 -9.84
CA PHE A 125 1.93 -0.68 -9.76
C PHE A 125 3.23 -1.42 -10.01
N TYR A 126 4.24 -0.63 -10.38
CA TYR A 126 5.57 -1.12 -10.68
C TYR A 126 6.51 -0.03 -10.24
N GLN A 127 7.44 -0.35 -9.34
CA GLN A 127 8.37 0.61 -8.78
C GLN A 127 9.70 0.53 -9.51
N ILE A 128 10.19 1.67 -9.98
CA ILE A 128 11.41 1.72 -10.78
C ILE A 128 12.45 2.57 -10.07
N PHE A 129 13.62 1.98 -9.84
CA PHE A 129 14.80 2.71 -9.37
C PHE A 129 15.52 3.13 -10.65
N PRO A 130 15.42 4.41 -11.06
CA PRO A 130 15.71 4.76 -12.47
C PRO A 130 17.10 4.37 -12.95
N ASP A 131 18.14 4.51 -12.11
CA ASP A 131 19.48 4.20 -12.59
C ASP A 131 19.64 2.73 -12.96
N ARG A 132 18.80 1.85 -12.43
CA ARG A 132 19.05 0.41 -12.57
C ARG A 132 18.01 -0.32 -13.41
N PHE A 133 17.08 0.39 -14.03
CA PHE A 133 16.03 -0.31 -14.78
C PHE A 133 16.46 -0.54 -16.23
N ALA A 134 16.59 0.53 -17.01
CA ALA A 134 16.92 0.36 -18.42
C ALA A 134 17.60 1.62 -18.95
N ARG A 135 18.64 1.42 -19.76
CA ARG A 135 19.25 2.49 -20.54
C ARG A 135 18.45 2.71 -21.81
N SER A 136 18.27 3.97 -22.18
CA SER A 136 17.65 4.27 -23.46
C SER A 136 18.59 3.89 -24.62
N GLN A 137 18.01 3.82 -25.82
CA GLN A 137 18.77 3.40 -27.00
C GLN A 137 19.96 4.31 -27.27
N SER A 138 19.75 5.62 -27.15
CA SER A 138 20.78 6.62 -27.44
C SER A 138 21.03 7.41 -26.16
N ARG A 139 22.10 7.06 -25.46
CA ARG A 139 22.37 7.59 -24.12
C ARG A 139 23.25 8.85 -24.12
N ARG A 158 31.04 5.31 -13.11
CA ARG A 158 30.18 4.73 -14.14
C ARG A 158 30.53 3.27 -14.40
N LYS A 159 29.62 2.36 -14.02
CA LYS A 159 29.79 0.92 -14.18
C LYS A 159 29.05 0.43 -15.43
N ALA A 160 29.47 -0.72 -15.94
CA ALA A 160 28.79 -1.39 -17.05
C ALA A 160 27.69 -2.30 -16.51
N TRP A 161 26.73 -2.63 -17.40
CA TRP A 161 25.47 -3.21 -16.94
C TRP A 161 25.67 -4.55 -16.25
N ASP A 162 26.66 -5.34 -16.67
CA ASP A 162 26.88 -6.67 -16.12
C ASP A 162 27.89 -6.69 -14.99
N GLU A 163 28.48 -5.55 -14.64
CA GLU A 163 29.44 -5.52 -13.56
C GLU A 163 28.73 -5.81 -12.23
N PRO A 164 29.28 -6.69 -11.41
CA PRO A 164 28.62 -7.03 -10.14
C PRO A 164 28.50 -5.81 -9.22
N LEU A 165 27.36 -5.75 -8.53
CA LEU A 165 27.16 -4.76 -7.48
C LEU A 165 28.02 -5.11 -6.28
N THR A 166 28.79 -4.13 -5.80
CA THR A 166 29.61 -4.32 -4.61
C THR A 166 29.18 -3.35 -3.51
N ALA A 167 29.67 -3.61 -2.30
CA ALA A 167 29.37 -2.77 -1.14
C ALA A 167 30.08 -1.42 -1.20
N GLU A 168 31.00 -1.23 -2.12
CA GLU A 168 31.77 0.01 -2.19
C GLU A 168 30.97 1.11 -2.86
N ALA A 169 31.02 2.30 -2.25
CA ALA A 169 30.52 3.55 -2.84
C ALA A 169 29.13 3.39 -3.44
N GLY A 170 28.23 2.76 -2.65
CA GLY A 170 26.90 2.46 -3.14
C GLY A 170 26.17 3.66 -3.71
N GLY A 171 26.26 4.80 -3.03
CA GLY A 171 25.63 6.03 -3.46
C GLY A 171 26.28 6.76 -4.62
N SER A 172 27.44 6.28 -5.09
CA SER A 172 28.15 6.96 -6.17
C SER A 172 28.28 6.12 -7.44
N THR A 173 27.73 4.92 -7.48
CA THR A 173 27.89 4.02 -8.62
C THR A 173 26.69 4.14 -9.56
N PHE A 174 26.93 4.54 -10.81
CA PHE A 174 25.87 4.77 -11.77
C PHE A 174 25.97 3.76 -12.91
N TYR A 175 24.88 3.04 -13.15
CA TYR A 175 24.82 2.12 -14.28
C TYR A 175 24.23 2.75 -15.53
N GLY A 176 23.56 3.89 -15.42
CA GLY A 176 23.13 4.65 -16.57
C GLY A 176 21.68 4.53 -17.00
N GLY A 177 20.84 3.81 -16.26
CA GLY A 177 19.42 3.80 -16.59
C GLY A 177 18.86 5.21 -16.62
N ASP A 178 17.85 5.40 -17.46
CA ASP A 178 17.29 6.74 -17.60
C ASP A 178 15.80 6.62 -17.93
N LEU A 179 15.14 7.78 -18.04
CA LEU A 179 13.69 7.79 -18.18
C LEU A 179 13.25 7.37 -19.58
N ASP A 180 14.01 7.77 -20.63
CA ASP A 180 13.67 7.26 -21.96
C ASP A 180 13.86 5.76 -22.02
N GLY A 181 14.71 5.20 -21.15
CA GLY A 181 14.76 3.76 -21.02
C GLY A 181 13.44 3.17 -20.55
N ILE A 182 12.77 3.86 -19.64
CA ILE A 182 11.46 3.41 -19.16
C ILE A 182 10.44 3.51 -20.28
N SER A 183 10.34 4.69 -20.90
CA SER A 183 9.46 4.89 -22.05
C SER A 183 9.63 3.78 -23.09
N GLU A 184 10.87 3.43 -23.41
CA GLU A 184 11.13 2.41 -24.40
C GLU A 184 10.73 1.02 -23.90
N LYS A 185 10.60 0.84 -22.59
CA LYS A 185 10.25 -0.46 -22.03
C LYS A 185 8.77 -0.53 -21.67
N LEU A 186 8.01 0.50 -22.01
CA LEU A 186 6.57 0.46 -21.79
C LEU A 186 5.86 -0.74 -22.41
N PRO A 187 6.27 -1.26 -23.58
CA PRO A 187 5.58 -2.47 -24.05
C PRO A 187 5.81 -3.68 -23.14
N TYR A 188 7.04 -3.87 -22.66
CA TYR A 188 7.26 -4.92 -21.67
C TYR A 188 6.34 -4.74 -20.46
N LEU A 189 6.28 -3.52 -19.90
CA LEU A 189 5.46 -3.31 -18.71
C LEU A 189 3.98 -3.56 -19.00
N LYS A 190 3.48 -3.06 -20.13
CA LYS A 190 2.12 -3.35 -20.59
C LYS A 190 1.82 -4.86 -20.56
N GLN A 191 2.70 -5.65 -21.16
CA GLN A 191 2.49 -7.10 -21.21
C GLN A 191 2.61 -7.73 -19.84
N LEU A 192 3.47 -7.18 -18.97
CA LEU A 192 3.48 -7.63 -17.60
C LEU A 192 2.14 -7.39 -16.91
N GLY A 193 1.35 -6.44 -17.38
CA GLY A 193 0.10 -6.09 -16.73
C GLY A 193 0.17 -4.83 -15.91
N VAL A 194 1.30 -4.12 -15.96
CA VAL A 194 1.49 -2.89 -15.19
C VAL A 194 0.59 -1.79 -15.73
N THR A 195 -0.05 -1.04 -14.83
CA THR A 195 -0.88 0.08 -15.26
C THR A 195 -0.45 1.40 -14.65
N ALA A 196 0.56 1.40 -13.79
CA ALA A 196 0.92 2.57 -13.00
C ALA A 196 2.37 2.41 -12.57
N LEU A 197 3.11 3.51 -12.61
CA LEU A 197 4.51 3.53 -12.22
C LEU A 197 4.71 4.38 -10.98
N TYR A 198 5.59 3.91 -10.11
CA TYR A 198 6.12 4.72 -9.00
C TYR A 198 7.62 4.81 -9.23
N LEU A 199 8.11 6.02 -9.42
CA LEU A 199 9.52 6.27 -9.65
C LEU A 199 10.20 6.73 -8.36
N ASN A 200 11.40 6.22 -8.12
CA ASN A 200 12.27 6.78 -7.10
C ASN A 200 12.66 8.20 -7.53
N PRO A 201 13.33 8.98 -6.67
CA PRO A 201 13.55 10.40 -7.00
C PRO A 201 14.23 10.59 -8.35
N VAL A 202 13.85 11.67 -9.03
CA VAL A 202 14.37 11.96 -10.38
C VAL A 202 14.89 13.39 -10.44
N PHE A 203 14.70 14.17 -9.37
CA PHE A 203 15.10 15.57 -9.35
C PHE A 203 16.62 15.67 -9.13
N VAL A 204 17.20 16.79 -9.60
CA VAL A 204 18.63 17.06 -9.50
C VAL A 204 19.16 16.74 -8.11
N ALA A 205 20.10 15.81 -8.04
CA ALA A 205 20.71 15.39 -6.77
C ALA A 205 22.03 14.72 -7.08
N PRO A 206 23.04 14.86 -6.22
CA PRO A 206 24.35 14.29 -6.53
C PRO A 206 24.39 12.77 -6.51
N SER A 207 23.62 12.10 -5.65
CA SER A 207 23.77 10.66 -5.50
C SER A 207 23.07 9.90 -6.63
N VAL A 208 23.18 8.58 -6.58
CA VAL A 208 22.50 7.73 -7.55
C VAL A 208 21.05 7.44 -7.14
N HIS A 209 20.77 7.36 -5.84
CA HIS A 209 19.39 7.20 -5.39
C HIS A 209 18.65 8.54 -5.38
N LYS A 210 19.39 9.63 -5.20
CA LYS A 210 18.92 11.00 -5.37
C LYS A 210 17.92 11.43 -4.30
N TYR A 211 17.94 10.82 -3.13
CA TYR A 211 17.19 11.38 -2.00
C TYR A 211 17.90 12.56 -1.33
N ASP A 212 19.08 12.96 -1.80
CA ASP A 212 19.74 14.18 -1.32
C ASP A 212 19.47 15.28 -2.34
N THR A 213 18.25 15.80 -2.26
CA THR A 213 17.75 16.70 -3.30
C THR A 213 18.54 17.99 -3.34
N GLU A 214 18.92 18.40 -4.54
CA GLU A 214 19.57 19.68 -4.76
C GLU A 214 18.68 20.69 -5.46
N ASP A 215 17.74 20.24 -6.29
CA ASP A 215 16.80 21.14 -6.96
C ASP A 215 15.48 20.41 -7.16
N TYR A 216 14.45 20.79 -6.38
CA TYR A 216 13.10 20.22 -6.55
C TYR A 216 12.45 20.64 -7.86
N ARG A 217 13.00 21.61 -8.58
CA ARG A 217 12.35 22.19 -9.74
C ARG A 217 12.87 21.65 -11.08
N ARG A 218 13.87 20.77 -11.06
CA ARG A 218 14.48 20.27 -12.28
C ARG A 218 14.72 18.78 -12.16
N VAL A 219 14.53 18.07 -13.30
CA VAL A 219 14.89 16.65 -13.42
C VAL A 219 16.40 16.55 -13.63
N ASP A 220 17.02 15.59 -12.97
CA ASP A 220 18.47 15.41 -13.05
C ASP A 220 18.87 14.97 -14.45
N PRO A 221 19.75 15.70 -15.13
CA PRO A 221 20.08 15.33 -16.52
C PRO A 221 20.65 13.94 -16.65
N GLN A 222 21.16 13.36 -15.55
CA GLN A 222 21.69 12.00 -15.63
C GLN A 222 20.61 11.00 -16.04
N PHE A 223 19.34 11.29 -15.75
CA PHE A 223 18.23 10.44 -16.12
C PHE A 223 17.55 10.92 -17.39
N GLY A 224 18.09 11.96 -18.03
CA GLY A 224 17.54 12.51 -19.25
C GLY A 224 16.97 13.91 -19.10
N GLY A 225 17.01 14.54 -17.92
CA GLY A 225 16.53 15.91 -17.75
C GLY A 225 15.02 16.06 -17.87
N ASP A 226 14.58 17.33 -17.93
CA ASP A 226 13.14 17.60 -17.95
C ASP A 226 12.48 17.03 -19.20
N ALA A 227 13.18 17.06 -20.34
CA ALA A 227 12.59 16.57 -21.60
C ALA A 227 12.27 15.08 -21.53
N ALA A 228 13.15 14.29 -20.92
CA ALA A 228 12.89 12.86 -20.81
C ALA A 228 11.70 12.55 -19.91
N LEU A 229 11.49 13.33 -18.84
CA LEU A 229 10.34 13.07 -17.97
C LEU A 229 9.04 13.53 -18.61
N LEU A 230 9.08 14.61 -19.39
CA LEU A 230 7.89 14.98 -20.16
C LEU A 230 7.54 13.90 -21.18
N ARG A 231 8.54 13.37 -21.89
CA ARG A 231 8.26 12.27 -22.80
C ARG A 231 7.67 11.09 -22.06
N LEU A 232 8.20 10.77 -20.89
CA LEU A 232 7.67 9.66 -20.12
C LEU A 232 6.24 9.93 -19.68
N ARG A 233 5.95 11.16 -19.26
CA ARG A 233 4.58 11.51 -18.92
C ARG A 233 3.66 11.37 -20.13
N HIS A 234 4.12 11.85 -21.29
CA HIS A 234 3.30 11.69 -22.50
C HIS A 234 3.11 10.22 -22.84
N ASN A 235 4.19 9.45 -22.78
CA ASN A 235 4.13 8.07 -23.23
C ASN A 235 3.23 7.24 -22.33
N THR A 236 3.30 7.47 -21.01
CA THR A 236 2.45 6.73 -20.10
C THR A 236 0.98 7.12 -20.30
N GLN A 237 0.69 8.42 -20.44
CA GLN A 237 -0.66 8.87 -20.78
C GLN A 237 -1.17 8.14 -22.03
N LYS A 238 -0.33 8.07 -23.07
CA LYS A 238 -0.72 7.38 -24.32
C LYS A 238 -1.11 5.95 -24.04
N GLU A 239 -0.39 5.28 -23.15
CA GLU A 239 -0.67 3.90 -22.81
C GLU A 239 -1.67 3.73 -21.67
N GLY A 240 -2.28 4.81 -21.19
CA GLY A 240 -3.22 4.67 -20.10
C GLY A 240 -2.59 4.35 -18.75
N MET A 241 -1.33 4.70 -18.56
CA MET A 241 -0.63 4.37 -17.33
C MET A 241 -0.50 5.59 -16.44
N ARG A 242 -0.67 5.39 -15.14
CA ARG A 242 -0.49 6.43 -14.14
C ARG A 242 0.99 6.51 -13.76
N LEU A 243 1.35 7.65 -13.16
CA LEU A 243 2.75 7.96 -12.88
C LEU A 243 2.84 8.74 -11.56
N ILE A 244 3.55 8.16 -10.58
CA ILE A 244 3.72 8.73 -9.24
C ILE A 244 5.19 9.07 -9.03
N LEU A 245 5.48 10.28 -8.55
CA LEU A 245 6.84 10.71 -8.26
C LEU A 245 7.16 10.59 -6.77
N ASP A 246 8.44 10.42 -6.48
CA ASP A 246 8.93 10.32 -5.10
C ASP A 246 9.17 11.72 -4.54
N GLY A 247 8.37 12.12 -3.54
CA GLY A 247 8.44 13.44 -2.98
C GLY A 247 9.17 13.49 -1.65
N VAL A 248 10.36 14.10 -1.64
CA VAL A 248 11.28 14.01 -0.51
C VAL A 248 11.26 15.38 0.17
N PHE A 249 10.40 15.54 1.17
CA PHE A 249 10.14 16.86 1.75
C PHE A 249 10.44 16.96 3.25
N ASN A 250 10.85 15.86 3.90
CA ASN A 250 11.30 15.96 5.28
C ASN A 250 12.67 16.61 5.40
N HIS A 251 13.48 16.47 4.34
CA HIS A 251 14.85 16.98 4.33
C HIS A 251 15.25 17.26 2.89
N SER A 252 16.21 18.14 2.75
CA SER A 252 16.89 18.39 1.48
C SER A 252 18.25 17.69 1.49
N GLY A 253 18.95 17.78 0.37
CA GLY A 253 20.37 17.47 0.36
C GLY A 253 21.19 18.67 0.81
N ASP A 254 22.39 18.39 1.35
CA ASP A 254 23.25 19.49 1.79
C ASP A 254 23.88 20.26 0.64
N SER A 255 23.67 19.83 -0.61
CA SER A 255 24.15 20.58 -1.76
C SER A 255 23.10 21.52 -2.33
N HIS A 256 21.87 21.45 -1.84
CA HIS A 256 20.82 22.37 -2.25
C HIS A 256 21.27 23.81 -2.04
N ALA A 257 20.78 24.70 -2.89
CA ALA A 257 21.13 26.11 -2.75
C ALA A 257 20.68 26.66 -1.40
N TRP A 258 19.58 26.13 -0.85
CA TRP A 258 19.06 26.63 0.42
C TRP A 258 20.05 26.38 1.55
N PHE A 259 20.72 25.22 1.53
CA PHE A 259 21.64 24.82 2.56
C PHE A 259 23.09 25.02 2.15
N ASP A 260 23.47 24.51 0.98
CA ASP A 260 24.73 24.87 0.31
C ASP A 260 25.93 24.69 1.26
N ARG A 261 26.14 23.43 1.67
CA ARG A 261 27.17 23.15 2.67
C ARG A 261 28.57 23.46 2.16
N HIS A 262 28.85 23.21 0.88
CA HIS A 262 30.17 23.37 0.31
C HIS A 262 30.40 24.78 -0.24
N GLN A 263 29.56 25.74 0.14
CA GLN A 263 29.70 27.15 -0.23
C GLN A 263 29.97 27.30 -1.72
N ARG A 264 29.60 26.27 -2.49
CA ARG A 264 29.70 26.33 -3.94
C ARG A 264 28.61 27.21 -4.54
N GLY A 265 28.30 28.28 -3.82
CA GLY A 265 27.26 29.21 -4.23
C GLY A 265 27.20 30.33 -3.21
N SER A 266 26.11 31.08 -3.23
CA SER A 266 25.94 32.14 -2.24
C SER A 266 24.56 32.03 -1.60
N GLY A 267 24.50 32.47 -0.34
CA GLY A 267 23.24 32.52 0.39
C GLY A 267 22.88 31.26 1.14
N GLY A 268 23.82 30.33 1.33
CA GLY A 268 23.49 29.06 1.94
C GLY A 268 23.14 29.20 3.41
N ALA A 269 22.09 28.49 3.83
CA ALA A 269 21.71 28.49 5.25
C ALA A 269 22.83 27.95 6.12
N CYS A 270 23.67 27.06 5.57
CA CYS A 270 24.66 26.38 6.39
C CYS A 270 25.72 27.35 6.92
N HIS A 271 26.26 28.20 6.04
CA HIS A 271 27.38 29.05 6.40
C HIS A 271 27.04 30.54 6.34
N ASN A 272 25.76 30.88 6.42
CA ASN A 272 25.34 32.29 6.42
C ASN A 272 24.24 32.46 7.45
N ALA A 273 24.56 33.09 8.58
CA ALA A 273 23.55 33.41 9.58
C ALA A 273 22.43 34.27 9.01
N ASP A 274 22.66 34.91 7.84
CA ASP A 274 21.71 35.82 7.22
C ASP A 274 21.12 35.24 5.94
N SER A 275 21.28 33.94 5.74
CA SER A 275 20.79 33.31 4.52
C SER A 275 19.29 33.55 4.38
N PRO A 276 18.79 33.74 3.15
CA PRO A 276 17.34 33.80 2.95
C PRO A 276 16.61 32.53 3.39
N TRP A 277 17.33 31.45 3.71
CA TRP A 277 16.71 30.20 4.16
C TRP A 277 17.30 29.74 5.49
N ARG A 278 17.87 30.66 6.28
CA ARG A 278 18.44 30.27 7.56
C ARG A 278 17.41 29.61 8.47
N ASP A 279 16.16 30.06 8.39
CA ASP A 279 15.09 29.54 9.24
C ASP A 279 14.42 28.30 8.66
N TRP A 280 14.86 27.84 7.49
CA TRP A 280 14.32 26.60 6.93
C TRP A 280 15.05 25.37 7.46
N TYR A 281 16.09 25.57 8.27
CA TYR A 281 16.81 24.48 8.90
C TYR A 281 16.94 24.80 10.38
N ASN A 282 17.19 23.78 11.18
CA ASN A 282 17.32 23.92 12.63
C ASN A 282 18.76 23.61 13.02
N PHE A 283 19.45 24.62 13.57
CA PHE A 283 20.82 24.46 14.06
C PHE A 283 20.82 24.50 15.58
N SER A 284 21.67 23.68 16.18
CA SER A 284 21.80 23.58 17.61
C SER A 284 22.70 24.70 18.13
N PRO A 285 22.79 24.87 19.47
CA PRO A 285 23.81 25.79 20.04
C PRO A 285 25.21 25.17 20.00
N GLU A 286 25.56 24.60 18.85
CA GLU A 286 26.83 23.94 18.63
C GLU A 286 27.15 24.17 17.17
N GLY A 287 26.12 24.61 16.43
CA GLY A 287 26.19 24.81 15.00
C GLY A 287 25.78 23.64 14.15
N VAL A 288 25.43 22.49 14.73
CA VAL A 288 25.12 21.30 13.92
C VAL A 288 23.63 21.29 13.58
N ALA A 289 23.32 21.28 12.29
CA ALA A 289 21.93 21.23 11.86
C ALA A 289 21.32 19.86 12.14
N HIS A 290 20.02 19.84 12.41
CA HIS A 290 19.34 18.56 12.55
C HIS A 290 19.18 17.94 11.16
N ASP A 291 19.29 16.61 11.10
CA ASP A 291 19.31 15.89 9.81
C ASP A 291 18.47 14.62 9.95
N TRP A 292 18.49 13.79 8.90
CA TRP A 292 17.75 12.52 8.89
C TRP A 292 18.63 11.47 9.56
N LEU A 293 18.28 11.11 10.79
CA LEU A 293 18.90 9.96 11.48
C LEU A 293 20.42 10.03 11.45
N GLY A 294 20.96 11.24 11.62
CA GLY A 294 22.40 11.41 11.65
C GLY A 294 23.12 11.33 10.32
N TYR A 295 22.45 11.59 9.21
CA TYR A 295 23.12 11.67 7.91
C TYR A 295 23.28 13.15 7.56
N ALA A 296 24.52 13.64 7.68
CA ALA A 296 24.80 15.06 7.53
C ALA A 296 24.47 15.55 6.13
N SER A 297 24.47 14.67 5.14
CA SER A 297 24.12 15.08 3.79
C SER A 297 22.62 15.35 3.61
N LEU A 298 21.79 15.15 4.65
CA LEU A 298 20.34 15.26 4.54
C LEU A 298 19.77 16.17 5.63
N PRO A 299 20.08 17.46 5.58
CA PRO A 299 19.59 18.38 6.62
C PRO A 299 18.07 18.48 6.61
N LYS A 300 17.48 18.50 7.82
CA LYS A 300 16.04 18.43 7.97
C LYS A 300 15.39 19.82 7.90
N LEU A 301 14.25 19.89 7.21
CA LEU A 301 13.58 21.16 6.95
C LEU A 301 12.65 21.52 8.11
N ASP A 302 12.61 22.81 8.45
CA ASP A 302 11.88 23.32 9.61
C ASP A 302 10.54 23.88 9.19
N TYR A 303 9.50 23.06 9.25
CA TYR A 303 8.15 23.47 8.86
C TYR A 303 7.50 24.43 9.86
N ARG A 304 8.25 24.99 10.79
CA ARG A 304 7.74 26.17 11.49
C ARG A 304 7.73 27.38 10.56
N SER A 305 8.69 27.46 9.65
CA SER A 305 8.82 28.64 8.78
C SER A 305 7.63 28.77 7.84
N SER A 306 6.98 29.93 7.87
CA SER A 306 5.83 30.14 6.99
C SER A 306 6.22 30.22 5.52
N THR A 307 7.46 30.61 5.21
CA THR A 307 7.95 30.67 3.84
C THR A 307 8.29 29.27 3.32
N LEU A 308 8.83 28.41 4.16
CA LEU A 308 9.07 27.03 3.76
C LEU A 308 7.76 26.31 3.46
N ILE A 309 6.74 26.51 4.29
CA ILE A 309 5.45 25.86 4.05
C ILE A 309 4.91 26.26 2.69
N ASP A 310 5.03 27.56 2.37
CA ASP A 310 4.53 28.09 1.10
C ASP A 310 5.25 27.49 -0.10
N GLU A 311 6.57 27.29 0.02
CA GLU A 311 7.36 26.77 -1.08
C GLU A 311 7.09 25.28 -1.31
N ILE A 312 6.85 24.51 -0.24
CA ILE A 312 6.69 23.06 -0.40
C ILE A 312 5.29 22.71 -0.83
N TYR A 313 4.29 23.22 -0.11
CA TYR A 313 2.90 22.91 -0.46
C TYR A 313 1.94 24.08 -0.40
N GLY A 314 2.26 25.18 0.28
CA GLY A 314 1.24 26.19 0.56
C GLY A 314 0.89 27.02 -0.67
N GLY A 315 1.89 27.44 -1.42
CA GLY A 315 1.67 28.31 -2.55
C GLY A 315 1.08 27.59 -3.76
N GLU A 316 0.59 28.39 -4.71
CA GLU A 316 -0.03 27.83 -5.90
C GLU A 316 0.99 27.09 -6.75
N ASP A 317 2.22 27.59 -6.81
CA ASP A 317 3.28 26.90 -7.53
C ASP A 317 4.32 26.28 -6.59
N SER A 318 3.88 25.88 -5.40
CA SER A 318 4.73 25.12 -4.49
C SER A 318 5.17 23.81 -5.13
N VAL A 319 6.16 23.16 -4.52
CA VAL A 319 6.75 21.96 -5.13
C VAL A 319 5.70 20.88 -5.31
N VAL A 320 4.82 20.69 -4.32
CA VAL A 320 3.85 19.59 -4.39
C VAL A 320 2.89 19.80 -5.55
N ARG A 321 2.42 21.03 -5.73
CA ARG A 321 1.45 21.31 -6.77
C ARG A 321 2.10 21.47 -8.13
N HIS A 322 3.36 21.91 -8.15
CA HIS A 322 4.06 22.18 -9.40
C HIS A 322 4.06 20.95 -10.31
N TRP A 323 4.55 19.82 -9.82
CA TRP A 323 4.61 18.61 -10.63
C TRP A 323 3.26 17.95 -10.83
N LEU A 324 2.18 18.57 -10.36
CA LEU A 324 0.85 17.99 -10.56
C LEU A 324 0.03 18.75 -11.59
N LYS A 325 0.45 19.97 -11.94
CA LYS A 325 -0.18 20.78 -12.95
C LYS A 325 0.59 20.67 -14.27
N ALA A 326 -0.08 21.05 -15.35
CA ALA A 326 0.54 20.95 -16.66
C ALA A 326 1.83 21.78 -16.70
N PRO A 327 2.84 21.35 -17.48
CA PRO A 327 2.88 20.19 -18.36
C PRO A 327 3.16 18.84 -17.70
N TRP A 328 3.43 18.85 -16.40
CA TRP A 328 3.91 17.63 -15.76
C TRP A 328 2.78 16.67 -15.45
N SER A 329 1.68 17.18 -14.88
CA SER A 329 0.42 16.44 -14.75
C SER A 329 0.60 15.05 -14.14
N MET A 330 1.48 14.94 -13.15
CA MET A 330 1.70 13.68 -12.45
C MET A 330 0.43 13.27 -11.68
N ASP A 331 0.34 11.99 -11.37
CA ASP A 331 -0.87 11.48 -10.72
C ASP A 331 -0.77 11.47 -9.20
N GLY A 332 0.33 11.95 -8.63
CA GLY A 332 0.44 12.01 -7.20
C GLY A 332 1.87 11.88 -6.75
N TRP A 333 2.01 11.55 -5.47
CA TRP A 333 3.27 11.66 -4.73
C TRP A 333 3.39 10.51 -3.74
N ARG A 334 4.53 9.84 -3.76
CA ARG A 334 4.94 9.01 -2.64
C ARG A 334 5.71 9.91 -1.68
N LEU A 335 5.34 9.93 -0.41
CA LEU A 335 5.95 10.90 0.51
C LEU A 335 7.05 10.21 1.31
N ALA A 336 8.30 10.58 0.99
CA ALA A 336 9.46 9.96 1.65
C ALA A 336 9.55 10.45 3.10
N VAL A 337 9.78 9.51 4.02
CA VAL A 337 9.95 9.82 5.44
C VAL A 337 8.79 10.71 5.90
N VAL A 338 7.56 10.31 5.55
CA VAL A 338 6.37 11.10 5.84
C VAL A 338 6.14 11.23 7.36
N HIS A 339 6.63 10.28 8.16
CA HIS A 339 6.29 10.29 9.58
C HIS A 339 7.14 11.26 10.40
N MET A 340 8.30 11.70 9.88
CA MET A 340 9.23 12.54 10.64
C MET A 340 9.14 14.02 10.26
N LEU A 341 8.55 14.35 9.13
CA LEU A 341 8.39 15.73 8.70
C LEU A 341 7.71 16.55 9.80
N GLY A 342 8.28 17.71 10.09
CA GLY A 342 7.70 18.57 11.11
C GLY A 342 8.58 19.76 11.40
N GLU A 343 8.37 20.35 12.57
CA GLU A 343 8.98 21.62 12.95
C GLU A 343 10.08 21.42 13.99
N GLY A 344 11.00 22.39 14.03
CA GLY A 344 11.95 22.51 15.12
C GLY A 344 13.01 21.42 15.19
N GLY A 345 13.23 20.68 14.09
CA GLY A 345 14.20 19.61 14.08
C GLY A 345 13.63 18.22 14.30
N GLY A 346 12.35 18.10 14.64
CA GLY A 346 11.74 16.78 14.78
C GLY A 346 10.36 16.71 14.16
N ALA A 347 9.51 15.79 14.65
CA ALA A 347 8.17 15.57 14.09
C ALA A 347 7.08 16.41 14.75
N ARG A 348 7.43 17.52 15.41
CA ARG A 348 6.40 18.38 15.98
C ARG A 348 5.45 18.87 14.88
N ASN A 349 4.15 18.68 15.11
CA ASN A 349 3.10 19.12 14.19
C ASN A 349 3.09 18.32 12.89
N ASN A 350 3.46 17.04 12.98
CA ASN A 350 3.63 16.23 11.78
C ASN A 350 2.30 16.06 11.03
N LEU A 351 1.23 15.78 11.75
CA LEU A 351 -0.05 15.46 11.13
C LEU A 351 -0.62 16.66 10.36
N ARG A 352 -0.49 17.86 10.92
CA ARG A 352 -0.96 19.06 10.23
C ARG A 352 -0.24 19.25 8.90
N HIS A 353 1.09 19.10 8.91
CA HIS A 353 1.84 19.33 7.67
C HIS A 353 1.59 18.24 6.62
N ILE A 354 1.42 16.98 7.00
CA ILE A 354 1.13 15.97 5.99
C ILE A 354 -0.28 16.18 5.43
N ALA A 355 -1.25 16.49 6.30
CA ALA A 355 -2.56 16.91 5.82
C ALA A 355 -2.44 18.09 4.86
N GLY A 356 -1.54 19.03 5.17
CA GLY A 356 -1.37 20.20 4.32
C GLY A 356 -0.83 19.83 2.95
N ILE A 357 0.16 18.93 2.91
CA ILE A 357 0.70 18.45 1.65
C ILE A 357 -0.39 17.76 0.82
N THR A 358 -1.12 16.84 1.43
CA THR A 358 -2.19 16.15 0.72
C THR A 358 -3.24 17.13 0.24
N GLN A 359 -3.64 18.07 1.12
CA GLN A 359 -4.66 19.06 0.75
C GLN A 359 -4.24 19.84 -0.49
N ALA A 360 -3.00 20.34 -0.48
CA ALA A 360 -2.45 21.04 -1.64
C ALA A 360 -2.50 20.18 -2.89
N ALA A 361 -2.19 18.89 -2.77
CA ALA A 361 -2.16 18.04 -3.95
C ALA A 361 -3.56 17.85 -4.53
N LYS A 362 -4.54 17.54 -3.67
CA LYS A 362 -5.91 17.39 -4.15
C LYS A 362 -6.49 18.70 -4.66
N LEU A 363 -5.96 19.84 -4.19
CA LEU A 363 -6.37 21.11 -4.76
C LEU A 363 -5.90 21.24 -6.20
N GLU A 364 -4.65 20.84 -6.47
CA GLU A 364 -4.16 20.92 -7.83
C GLU A 364 -4.82 19.86 -8.70
N ARG A 365 -5.00 18.66 -8.16
CA ARG A 365 -5.58 17.54 -8.87
C ARG A 365 -6.46 16.76 -7.92
N PRO A 366 -7.79 16.88 -8.03
CA PRO A 366 -8.69 16.27 -7.04
C PRO A 366 -8.50 14.78 -6.88
N ASP A 367 -8.12 14.06 -7.94
CA ASP A 367 -7.94 12.62 -7.87
C ASP A 367 -6.48 12.23 -7.65
N ALA A 368 -5.66 13.16 -7.14
CA ALA A 368 -4.27 12.85 -6.86
C ALA A 368 -4.15 11.75 -5.81
N PHE A 369 -3.16 10.90 -5.98
CA PHE A 369 -2.86 9.82 -5.05
C PHE A 369 -1.68 10.27 -4.19
N VAL A 370 -1.87 10.31 -2.88
CA VAL A 370 -0.79 10.68 -1.97
C VAL A 370 -0.67 9.57 -0.94
N PHE A 371 0.40 8.79 -1.02
CA PHE A 371 0.66 7.75 -0.03
C PHE A 371 2.03 7.98 0.60
N GLY A 372 2.16 7.52 1.84
CA GLY A 372 3.32 7.80 2.66
C GLY A 372 4.15 6.55 2.89
N GLU A 373 5.47 6.74 2.95
CA GLU A 373 6.42 5.70 3.35
C GLU A 373 6.27 5.44 4.85
N HIS A 374 5.75 4.27 5.23
CA HIS A 374 5.62 3.89 6.64
C HIS A 374 6.23 2.51 6.86
N PHE A 375 7.49 2.47 7.30
CA PHE A 375 8.02 1.19 7.77
C PHE A 375 7.29 0.74 9.01
N GLY A 376 6.85 1.68 9.84
CA GLY A 376 6.19 1.37 11.09
C GLY A 376 4.68 1.36 10.96
N ASP A 377 4.01 1.67 12.07
CA ASP A 377 2.56 1.61 12.18
C ASP A 377 1.95 2.93 11.71
N ALA A 378 1.32 2.91 10.52
CA ALA A 378 0.75 4.08 9.85
C ALA A 378 -0.65 4.48 10.34
N ARG A 379 -1.24 3.71 11.25
CA ARG A 379 -2.67 3.85 11.56
C ARG A 379 -3.03 5.24 12.05
N GLN A 380 -2.18 5.90 12.85
CA GLN A 380 -2.58 7.22 13.33
C GLN A 380 -2.69 8.22 12.19
N TRP A 381 -1.76 8.13 11.23
CA TRP A 381 -1.83 8.95 10.01
C TRP A 381 -3.08 8.65 9.20
N LEU A 382 -3.38 7.38 9.00
CA LEU A 382 -4.51 7.03 8.15
C LEU A 382 -5.84 7.22 8.88
N GLN A 383 -5.86 6.95 10.18
CA GLN A 383 -7.11 7.18 10.92
C GLN A 383 -7.44 8.66 11.03
N ALA A 384 -6.46 9.57 10.88
CA ALA A 384 -6.75 10.99 10.78
C ALA A 384 -6.88 11.49 9.34
N ASP A 385 -6.76 10.61 8.34
CA ASP A 385 -6.99 10.96 6.93
C ASP A 385 -6.06 12.05 6.44
N VAL A 386 -4.82 12.10 6.94
CA VAL A 386 -3.86 13.06 6.40
C VAL A 386 -3.22 12.57 5.10
N GLU A 387 -3.49 11.34 4.69
CA GLU A 387 -2.93 10.82 3.46
C GLU A 387 -3.84 9.71 2.96
N ASP A 388 -3.72 9.37 1.66
CA ASP A 388 -4.65 8.38 1.10
C ASP A 388 -4.32 6.97 1.56
N SER A 389 -3.07 6.70 1.86
CA SER A 389 -2.58 5.33 1.83
C SER A 389 -1.16 5.33 2.38
N ALA A 390 -0.64 4.13 2.63
CA ALA A 390 0.75 3.97 3.03
C ALA A 390 1.36 2.80 2.29
N MET A 391 2.67 2.89 2.07
CA MET A 391 3.47 1.71 1.80
C MET A 391 3.29 0.74 2.95
N ASN A 392 2.62 -0.38 2.68
CA ASN A 392 2.01 -1.15 3.76
C ASN A 392 2.96 -2.19 4.36
N TYR A 393 4.15 -1.74 4.74
CA TYR A 393 5.12 -2.64 5.35
C TYR A 393 4.55 -3.34 6.57
N ARG A 394 3.86 -2.58 7.45
CA ARG A 394 3.42 -3.16 8.73
C ARG A 394 2.22 -4.08 8.54
N GLY A 395 1.31 -3.74 7.62
CA GLY A 395 0.11 -4.51 7.42
C GLY A 395 0.17 -5.63 6.41
N PHE A 396 1.16 -5.60 5.50
CA PHE A 396 1.26 -6.65 4.49
C PHE A 396 2.66 -7.29 4.42
N THR A 397 3.71 -6.47 4.22
CA THR A 397 5.04 -7.00 3.95
C THR A 397 5.57 -7.84 5.10
N PHE A 398 5.63 -7.26 6.30
CA PHE A 398 6.31 -7.97 7.40
C PHE A 398 5.54 -9.22 7.86
N PRO A 399 4.20 -9.24 7.89
CA PRO A 399 3.50 -10.53 8.11
C PRO A 399 3.97 -11.64 7.19
N LEU A 400 4.16 -11.34 5.89
CA LEU A 400 4.63 -12.35 4.96
C LEU A 400 6.11 -12.67 5.17
N TRP A 401 6.95 -11.68 5.45
CA TRP A 401 8.32 -12.01 5.81
C TRP A 401 8.35 -12.96 6.98
N GLY A 402 7.43 -12.76 7.93
CA GLY A 402 7.39 -13.64 9.08
C GLY A 402 6.85 -15.01 8.72
N PHE A 403 5.66 -15.04 8.13
CA PHE A 403 5.01 -16.32 7.88
C PHE A 403 5.77 -17.16 6.87
N LEU A 404 6.29 -16.53 5.80
CA LEU A 404 6.86 -17.29 4.70
C LEU A 404 8.38 -17.39 4.74
N ALA A 405 9.08 -16.34 5.21
CA ALA A 405 10.53 -16.26 5.23
C ALA A 405 11.16 -16.26 6.63
N ASN A 406 10.38 -16.36 7.70
CA ASN A 406 10.90 -16.41 9.08
C ASN A 406 11.74 -15.21 9.48
N THR A 407 11.39 -14.01 9.00
CA THR A 407 12.20 -12.85 9.35
C THR A 407 11.30 -11.61 9.44
N ASP A 408 11.94 -10.45 9.60
CA ASP A 408 11.18 -9.23 9.92
C ASP A 408 12.04 -8.00 9.60
N ILE A 409 11.50 -6.82 9.93
CA ILE A 409 12.07 -5.52 9.57
C ILE A 409 13.53 -5.38 9.97
N SER A 410 13.95 -6.01 11.07
CA SER A 410 15.32 -5.96 11.57
C SER A 410 16.10 -7.23 11.21
N TYR A 411 15.51 -8.09 10.37
CA TYR A 411 16.10 -9.38 10.00
C TYR A 411 16.41 -10.22 11.25
N ASP A 412 15.54 -10.11 12.28
CA ASP A 412 15.48 -10.92 13.48
C ASP A 412 14.64 -12.16 13.23
N PRO A 413 15.03 -13.30 13.77
CA PRO A 413 14.27 -14.54 13.52
C PRO A 413 12.82 -14.37 13.94
N GLN A 414 11.93 -15.03 13.20
CA GLN A 414 10.50 -14.88 13.38
C GLN A 414 9.91 -16.27 13.19
N LYS A 415 9.00 -16.68 14.09
CA LYS A 415 8.34 -17.97 13.96
C LYS A 415 6.85 -17.80 14.26
N ILE A 416 6.09 -17.45 13.22
CA ILE A 416 4.65 -17.26 13.36
C ILE A 416 3.92 -18.23 12.46
N ASP A 417 2.85 -18.79 12.97
CA ASP A 417 1.98 -19.69 12.22
C ASP A 417 0.90 -18.87 11.51
N ALA A 418 -0.01 -19.56 10.83
CA ALA A 418 -1.05 -18.88 10.07
C ALA A 418 -2.00 -18.10 10.99
N GLN A 419 -2.34 -18.67 12.16
CA GLN A 419 -3.21 -17.97 13.11
C GLN A 419 -2.65 -16.60 13.43
N THR A 420 -1.36 -16.57 13.77
CA THR A 420 -0.74 -15.32 14.17
C THR A 420 -0.59 -14.38 13.00
N CYS A 421 -0.23 -14.91 11.84
CA CYS A 421 -0.06 -14.04 10.68
C CYS A 421 -1.37 -13.38 10.29
N MET A 422 -2.46 -14.13 10.26
CA MET A 422 -3.76 -13.53 9.94
C MET A 422 -4.33 -12.67 11.08
N ALA A 423 -4.08 -13.02 12.36
CA ALA A 423 -4.44 -12.08 13.43
C ALA A 423 -3.73 -10.76 13.21
N TRP A 424 -2.46 -10.83 12.84
CA TRP A 424 -1.67 -9.64 12.56
C TRP A 424 -2.25 -8.85 11.38
N MET A 425 -2.48 -9.51 10.24
CA MET A 425 -2.94 -8.77 9.05
C MET A 425 -4.33 -8.19 9.27
N ASP A 426 -5.23 -8.97 9.89
CA ASP A 426 -6.60 -8.51 10.09
C ASP A 426 -6.71 -7.45 11.18
N ASN A 427 -5.87 -7.52 12.22
CA ASN A 427 -5.87 -6.47 13.23
C ASN A 427 -5.49 -5.13 12.63
N TYR A 428 -4.45 -5.11 11.79
CA TYR A 428 -4.00 -3.86 11.21
C TYR A 428 -5.09 -3.23 10.35
N ARG A 429 -5.71 -4.01 9.44
CA ARG A 429 -6.69 -3.39 8.54
C ARG A 429 -8.00 -3.05 9.25
N ALA A 430 -8.29 -3.66 10.40
CA ALA A 430 -9.49 -3.26 11.13
C ALA A 430 -9.48 -1.77 11.47
N GLY A 431 -8.30 -1.14 11.48
CA GLY A 431 -8.15 0.29 11.72
C GLY A 431 -8.41 1.16 10.52
N LEU A 432 -8.83 0.56 9.40
CA LEU A 432 -8.95 1.22 8.11
C LEU A 432 -10.34 0.94 7.54
N SER A 433 -10.92 1.95 6.88
CA SER A 433 -12.17 1.77 6.19
C SER A 433 -11.98 0.81 5.01
N HIS A 434 -13.09 0.33 4.46
CA HIS A 434 -12.97 -0.51 3.26
C HIS A 434 -12.20 0.20 2.17
N GLN A 435 -12.57 1.45 1.89
CA GLN A 435 -11.92 2.21 0.81
C GLN A 435 -10.43 2.40 1.07
N GLN A 436 -10.04 2.64 2.34
CA GLN A 436 -8.61 2.76 2.64
C GLN A 436 -7.89 1.44 2.41
N GLN A 437 -8.49 0.33 2.84
CA GLN A 437 -7.88 -0.98 2.64
C GLN A 437 -7.63 -1.25 1.17
N LEU A 438 -8.58 -0.89 0.31
CA LEU A 438 -8.48 -1.16 -1.12
C LEU A 438 -7.32 -0.42 -1.80
N ARG A 439 -6.87 0.71 -1.26
CA ARG A 439 -5.79 1.46 -1.87
C ARG A 439 -4.48 1.43 -1.08
N MET A 440 -4.33 0.49 -0.13
CA MET A 440 -3.06 0.36 0.57
C MET A 440 -2.00 -0.18 -0.37
N PHE A 441 -0.77 0.36 -0.26
CA PHE A 441 0.29 0.13 -1.26
C PHE A 441 1.10 -1.09 -0.83
N ASN A 442 0.75 -2.26 -1.36
CA ASN A 442 1.33 -3.51 -0.89
C ASN A 442 2.49 -3.95 -1.78
N GLN A 443 3.62 -4.30 -1.15
CA GLN A 443 4.69 -4.92 -1.91
C GLN A 443 5.46 -5.88 -1.02
N LEU A 444 6.16 -6.81 -1.68
CA LEU A 444 6.95 -7.82 -1.00
C LEU A 444 8.34 -7.32 -0.62
N ASP A 445 8.80 -6.24 -1.24
CA ASP A 445 10.13 -5.71 -0.98
C ASP A 445 10.23 -4.36 -1.70
N SER A 446 11.34 -3.68 -1.51
CA SER A 446 11.51 -2.35 -2.08
C SER A 446 13.00 -2.03 -2.15
N HIS A 447 13.31 -0.82 -2.56
CA HIS A 447 14.71 -0.38 -2.60
C HIS A 447 15.31 -0.23 -1.20
N ASP A 448 14.53 -0.38 -0.12
CA ASP A 448 15.01 -0.22 1.25
C ASP A 448 15.01 -1.53 2.01
N THR A 449 14.75 -2.66 1.33
CA THR A 449 14.80 -3.98 1.94
C THR A 449 15.59 -4.93 1.06
N ALA A 450 16.11 -5.98 1.67
CA ALA A 450 16.63 -7.09 0.89
C ALA A 450 15.52 -7.63 0.00
N ARG A 451 15.94 -8.23 -1.12
CA ARG A 451 15.00 -8.89 -2.02
C ARG A 451 14.31 -10.05 -1.30
N PHE A 452 12.98 -10.12 -1.46
CA PHE A 452 12.20 -11.14 -0.76
C PHE A 452 12.64 -12.56 -1.17
N LYS A 453 12.94 -12.75 -2.47
CA LYS A 453 13.54 -13.99 -2.96
C LYS A 453 14.76 -14.41 -2.16
N SER A 454 15.64 -13.46 -1.84
CA SER A 454 16.82 -13.80 -1.05
C SER A 454 16.45 -14.14 0.38
N LEU A 455 15.45 -13.44 0.92
CA LEU A 455 15.07 -13.64 2.32
C LEU A 455 14.49 -15.03 2.55
N LEU A 456 13.76 -15.56 1.57
CA LEU A 456 13.27 -16.94 1.65
C LEU A 456 14.39 -17.97 1.79
N GLY A 457 15.62 -17.62 1.40
CA GLY A 457 16.76 -18.50 1.62
C GLY A 457 16.54 -19.88 1.02
N LYS A 458 16.59 -20.91 1.89
CA LYS A 458 16.35 -22.28 1.49
C LYS A 458 14.90 -22.54 1.08
N ASP A 459 13.98 -21.65 1.45
CA ASP A 459 12.56 -21.80 1.18
C ASP A 459 12.08 -21.02 -0.04
N VAL A 460 12.96 -20.84 -1.03
CA VAL A 460 12.65 -20.01 -2.19
C VAL A 460 11.43 -20.53 -2.95
N ALA A 461 11.10 -21.82 -2.86
CA ALA A 461 9.91 -22.37 -3.52
C ALA A 461 8.61 -21.77 -2.99
N ARG A 462 8.66 -21.01 -1.88
CA ARG A 462 7.49 -20.30 -1.39
C ARG A 462 7.23 -19.00 -2.14
N LEU A 463 8.20 -18.51 -2.93
CA LEU A 463 8.05 -17.23 -3.62
C LEU A 463 6.76 -17.11 -4.44
N PRO A 464 6.29 -18.12 -5.18
CA PRO A 464 5.02 -17.96 -5.88
C PRO A 464 3.81 -17.82 -4.96
N LEU A 465 3.82 -18.41 -3.77
CA LEU A 465 2.75 -18.15 -2.81
C LEU A 465 2.62 -16.65 -2.56
N ALA A 466 3.74 -15.99 -2.33
CA ALA A 466 3.74 -14.58 -2.02
C ALA A 466 3.25 -13.75 -3.20
N VAL A 467 3.57 -14.18 -4.42
CA VAL A 467 3.11 -13.44 -5.59
C VAL A 467 1.59 -13.54 -5.73
N VAL A 468 1.03 -14.73 -5.54
CA VAL A 468 -0.42 -14.88 -5.51
C VAL A 468 -1.02 -14.00 -4.42
N TRP A 469 -0.44 -14.06 -3.22
CA TRP A 469 -0.96 -13.27 -2.09
C TRP A 469 -0.91 -11.78 -2.38
N LEU A 470 0.14 -11.32 -3.07
CA LEU A 470 0.27 -9.89 -3.33
C LEU A 470 -0.90 -9.39 -4.18
N PHE A 471 -1.39 -10.20 -5.14
CA PHE A 471 -2.44 -9.76 -6.05
C PHE A 471 -3.86 -10.05 -5.55
N SER A 472 -4.02 -10.73 -4.41
CA SER A 472 -5.35 -11.10 -3.93
C SER A 472 -5.70 -10.58 -2.54
N TRP A 473 -4.73 -10.07 -1.74
CA TRP A 473 -5.00 -9.41 -0.46
C TRP A 473 -5.48 -7.98 -0.75
N PRO A 474 -6.40 -7.44 0.07
CA PRO A 474 -6.90 -6.08 -0.23
C PRO A 474 -5.77 -5.08 -0.28
N GLY A 475 -5.89 -4.13 -1.20
CA GLY A 475 -4.84 -3.17 -1.48
C GLY A 475 -4.41 -3.24 -2.93
N VAL A 476 -3.55 -2.30 -3.31
CA VAL A 476 -3.05 -2.21 -4.67
C VAL A 476 -1.64 -2.79 -4.69
N PRO A 477 -1.34 -3.73 -5.60
CA PRO A 477 -0.02 -4.37 -5.60
C PRO A 477 0.99 -3.53 -6.36
N CYS A 478 2.23 -3.53 -5.86
CA CYS A 478 3.35 -2.85 -6.48
C CYS A 478 4.49 -3.86 -6.64
N ILE A 479 4.79 -4.21 -7.90
CA ILE A 479 6.00 -4.97 -8.20
C ILE A 479 7.20 -4.06 -8.01
N TYR A 480 8.22 -4.56 -7.33
CA TYR A 480 9.52 -3.90 -7.29
C TYR A 480 10.32 -4.38 -8.50
N TYR A 481 10.77 -3.44 -9.34
CA TYR A 481 11.40 -3.74 -10.62
C TYR A 481 12.36 -4.92 -10.51
N GLY A 482 12.18 -5.92 -11.36
CA GLY A 482 13.06 -7.06 -11.37
C GLY A 482 12.58 -8.26 -10.57
N ASP A 483 11.74 -8.04 -9.55
CA ASP A 483 11.11 -9.14 -8.82
C ASP A 483 10.47 -10.15 -9.79
N GLU A 484 9.80 -9.65 -10.83
CA GLU A 484 9.02 -10.51 -11.71
C GLU A 484 9.86 -11.48 -12.53
N VAL A 485 11.16 -11.21 -12.69
CA VAL A 485 12.04 -12.11 -13.44
C VAL A 485 13.07 -12.77 -12.53
N GLY A 486 12.90 -12.65 -11.22
CA GLY A 486 13.71 -13.37 -10.27
C GLY A 486 15.02 -12.74 -9.86
N VAL A 487 15.18 -11.42 -9.90
CA VAL A 487 16.42 -10.90 -9.36
C VAL A 487 16.40 -11.00 -7.83
N ASP A 488 17.59 -11.21 -7.26
CA ASP A 488 17.72 -11.28 -5.81
C ASP A 488 18.80 -10.35 -5.29
N GLY A 489 19.15 -10.49 -4.02
CA GLY A 489 20.16 -9.65 -3.39
C GLY A 489 19.74 -9.28 -1.99
N ASN A 490 20.75 -8.97 -1.16
CA ASN A 490 20.48 -8.51 0.20
C ASN A 490 20.13 -7.03 0.19
N ASN A 491 20.06 -6.46 1.40
CA ASN A 491 19.59 -5.09 1.59
C ASN A 491 20.47 -4.09 0.87
N ASP A 492 19.89 -2.91 0.54
CA ASP A 492 20.58 -1.72 0.04
C ASP A 492 22.01 -1.70 0.58
N PRO A 493 23.03 -1.78 -0.28
CA PRO A 493 23.07 -1.60 -1.74
C PRO A 493 22.66 -2.77 -2.64
N PHE A 494 22.59 -3.99 -2.13
CA PHE A 494 22.51 -5.15 -3.02
C PHE A 494 21.11 -5.43 -3.56
N CYS A 495 20.10 -4.69 -3.10
CA CYS A 495 18.74 -4.87 -3.61
C CYS A 495 18.45 -4.00 -4.82
N ARG A 496 19.43 -3.25 -5.32
CA ARG A 496 19.18 -2.37 -6.45
C ARG A 496 19.97 -2.82 -7.69
N LYS A 497 19.95 -4.11 -7.98
CA LYS A 497 20.72 -4.63 -9.09
C LYS A 497 20.20 -4.08 -10.42
N PRO A 498 21.06 -4.00 -11.43
CA PRO A 498 20.58 -3.77 -12.80
C PRO A 498 19.63 -4.86 -13.24
N PHE A 499 18.53 -4.44 -13.85
CA PHE A 499 17.52 -5.39 -14.33
C PHE A 499 18.09 -6.27 -15.45
N PRO A 500 17.97 -7.59 -15.34
CA PRO A 500 18.51 -8.48 -16.40
C PRO A 500 17.60 -8.58 -17.61
N TRP A 501 17.94 -7.85 -18.68
CA TRP A 501 17.14 -7.88 -19.91
C TRP A 501 17.44 -9.09 -20.78
N ASP A 502 18.43 -9.90 -20.40
CA ASP A 502 18.71 -11.15 -21.11
C ASP A 502 17.75 -12.23 -20.63
N PRO A 503 16.88 -12.77 -21.49
CA PRO A 503 15.94 -13.81 -21.03
C PRO A 503 16.64 -15.02 -20.43
N ALA A 504 17.91 -15.27 -20.79
CA ALA A 504 18.67 -16.34 -20.17
C ALA A 504 18.88 -16.11 -18.69
N LEU A 505 18.97 -14.84 -18.28
CA LEU A 505 19.11 -14.49 -16.87
C LEU A 505 17.77 -14.23 -16.19
N GLN A 506 16.66 -14.58 -16.83
CA GLN A 506 15.32 -14.34 -16.30
C GLN A 506 14.63 -15.64 -15.94
N ASP A 507 13.92 -15.61 -14.80
CA ASP A 507 12.98 -16.65 -14.40
C ASP A 507 11.70 -16.44 -15.22
N GLY A 508 11.62 -17.07 -16.39
CA GLY A 508 10.47 -16.90 -17.25
C GLY A 508 9.19 -17.46 -16.67
N ASP A 509 9.30 -18.51 -15.85
CA ASP A 509 8.11 -19.06 -15.18
C ASP A 509 7.56 -18.08 -14.15
N LEU A 510 8.45 -17.42 -13.40
CA LEU A 510 7.99 -16.41 -12.45
C LEU A 510 7.33 -15.24 -13.19
N LEU A 511 7.95 -14.80 -14.29
CA LEU A 511 7.36 -13.72 -15.08
C LEU A 511 5.92 -14.04 -15.47
N ASP A 512 5.65 -15.29 -15.86
CA ASP A 512 4.33 -15.67 -16.34
C ASP A 512 3.28 -15.68 -15.23
N LEU A 513 3.68 -16.14 -14.04
CA LEU A 513 2.78 -16.05 -12.89
C LEU A 513 2.38 -14.61 -12.61
N TYR A 514 3.34 -13.69 -12.62
CA TYR A 514 2.99 -12.27 -12.46
C TYR A 514 2.00 -11.83 -13.53
N LYS A 515 2.22 -12.23 -14.79
CA LYS A 515 1.29 -11.88 -15.85
C LYS A 515 -0.10 -12.44 -15.55
N ARG A 516 -0.17 -13.72 -15.19
CA ARG A 516 -1.46 -14.34 -14.95
C ARG A 516 -2.17 -13.69 -13.77
N MET A 517 -1.45 -13.37 -12.68
CA MET A 517 -2.10 -12.74 -11.55
C MET A 517 -2.66 -11.37 -11.93
N SER A 518 -1.89 -10.56 -12.64
CA SER A 518 -2.45 -9.25 -12.96
C SER A 518 -3.66 -9.40 -13.87
N LYS A 519 -3.67 -10.44 -14.72
CA LYS A 519 -4.85 -10.74 -15.54
C LYS A 519 -6.03 -11.15 -14.67
N LEU A 520 -5.81 -12.01 -13.68
CA LEU A 520 -6.90 -12.37 -12.77
C LEU A 520 -7.46 -11.14 -12.09
N ARG A 521 -6.61 -10.17 -11.77
CA ARG A 521 -7.05 -8.98 -11.06
C ARG A 521 -7.92 -8.09 -11.94
N LYS A 522 -7.42 -7.72 -13.12
CA LYS A 522 -8.23 -7.02 -14.12
C LYS A 522 -9.54 -7.75 -14.38
N ALA A 523 -9.54 -9.08 -14.36
CA ALA A 523 -10.72 -9.84 -14.74
C ALA A 523 -11.85 -9.79 -13.71
N HIS A 524 -11.54 -9.69 -12.41
CA HIS A 524 -12.52 -9.96 -11.37
C HIS A 524 -12.68 -8.78 -10.43
N GLN A 525 -13.90 -8.27 -10.33
CA GLN A 525 -14.18 -7.11 -9.49
C GLN A 525 -13.83 -7.37 -8.01
N ALA A 526 -13.97 -8.61 -7.53
CA ALA A 526 -13.75 -8.90 -6.12
C ALA A 526 -12.31 -8.70 -5.69
N LEU A 527 -11.36 -8.86 -6.62
CA LEU A 527 -9.95 -8.64 -6.34
C LEU A 527 -9.57 -7.18 -6.40
N ARG A 528 -10.49 -6.32 -6.83
CA ARG A 528 -10.22 -4.91 -6.83
C ARG A 528 -11.07 -4.14 -5.82
N TYR A 529 -12.28 -4.62 -5.53
CA TYR A 529 -13.26 -3.89 -4.76
C TYR A 529 -13.76 -4.69 -3.56
N GLY A 530 -13.30 -5.91 -3.42
CA GLY A 530 -13.99 -6.86 -2.59
C GLY A 530 -13.60 -6.78 -1.13
N GLY A 531 -14.57 -7.04 -0.28
CA GLY A 531 -14.28 -7.35 1.10
C GLY A 531 -13.39 -8.57 1.19
N CYS A 532 -12.92 -8.82 2.40
CA CYS A 532 -11.99 -9.92 2.62
C CYS A 532 -12.27 -10.56 3.95
N GLN A 533 -12.52 -11.87 3.92
CA GLN A 533 -12.81 -12.66 5.11
C GLN A 533 -11.85 -13.84 5.17
N VAL A 534 -11.06 -13.91 6.24
CA VAL A 534 -10.23 -15.07 6.51
C VAL A 534 -11.12 -16.20 6.98
N ILE A 535 -11.07 -17.33 6.28
CA ILE A 535 -11.91 -18.49 6.53
C ILE A 535 -11.19 -19.55 7.36
N TYR A 536 -9.90 -19.70 7.14
CA TYR A 536 -9.10 -20.74 7.77
C TYR A 536 -7.71 -20.19 7.96
N ALA A 537 -7.12 -20.44 9.12
CA ALA A 537 -5.76 -19.98 9.39
C ALA A 537 -5.23 -20.81 10.57
N GLU A 538 -4.62 -21.94 10.23
CA GLU A 538 -4.02 -22.83 11.21
C GLU A 538 -2.71 -23.36 10.64
N ASP A 539 -1.65 -23.31 11.45
CA ASP A 539 -0.31 -23.76 11.11
C ASP A 539 0.21 -23.25 9.76
N ASN A 540 0.24 -24.11 8.75
CA ASN A 540 0.83 -23.79 7.45
C ASN A 540 -0.14 -23.19 6.45
N VAL A 541 -1.44 -23.24 6.72
CA VAL A 541 -2.47 -23.01 5.73
C VAL A 541 -3.27 -21.76 6.07
N VAL A 542 -3.39 -20.87 5.08
CA VAL A 542 -4.22 -19.66 5.12
C VAL A 542 -5.23 -19.79 3.97
N VAL A 543 -6.51 -19.60 4.28
CA VAL A 543 -7.58 -19.54 3.29
C VAL A 543 -8.41 -18.29 3.54
N PHE A 544 -8.57 -17.46 2.51
CA PHE A 544 -9.48 -16.33 2.61
C PHE A 544 -10.31 -16.20 1.35
N VAL A 545 -11.39 -15.44 1.43
CA VAL A 545 -12.28 -15.22 0.29
C VAL A 545 -12.47 -13.72 0.10
N ARG A 546 -12.31 -13.26 -1.14
CA ARG A 546 -12.71 -11.91 -1.50
C ARG A 546 -14.16 -11.96 -1.95
N VAL A 547 -14.90 -10.88 -1.66
CA VAL A 547 -16.36 -10.90 -1.71
C VAL A 547 -16.82 -9.58 -2.29
N TYR A 548 -17.53 -9.64 -3.42
CA TYR A 548 -18.09 -8.43 -4.04
C TYR A 548 -19.37 -8.83 -4.76
N LYS A 549 -20.51 -8.33 -4.27
CA LYS A 549 -21.84 -8.66 -4.79
C LYS A 549 -21.96 -10.18 -4.79
N GLN A 550 -22.39 -10.81 -5.87
CA GLN A 550 -22.54 -12.25 -5.96
C GLN A 550 -21.22 -12.97 -6.22
N GLN A 551 -20.16 -12.24 -6.51
CA GLN A 551 -18.88 -12.80 -6.89
C GLN A 551 -18.02 -13.14 -5.67
N ARG A 552 -17.31 -14.26 -5.75
CA ARG A 552 -16.43 -14.72 -4.69
C ARG A 552 -15.11 -15.12 -5.29
N VAL A 553 -14.00 -14.84 -4.60
CA VAL A 553 -12.69 -15.31 -5.03
C VAL A 553 -12.02 -15.98 -3.86
N LEU A 554 -11.79 -17.28 -3.96
CA LEU A 554 -11.25 -18.07 -2.86
C LEU A 554 -9.76 -18.30 -3.09
N VAL A 555 -8.97 -18.07 -2.03
CA VAL A 555 -7.52 -18.18 -2.09
C VAL A 555 -7.07 -19.09 -0.97
N ALA A 556 -6.25 -20.08 -1.30
CA ALA A 556 -5.75 -21.05 -0.33
C ALA A 556 -4.24 -21.13 -0.44
N ILE A 557 -3.54 -20.78 0.63
CA ILE A 557 -2.08 -20.76 0.68
C ILE A 557 -1.60 -21.82 1.67
N ASN A 558 -0.65 -22.65 1.24
CA ASN A 558 -0.06 -23.70 2.07
C ASN A 558 1.46 -23.60 2.00
N ARG A 559 2.09 -23.16 3.07
CA ARG A 559 3.54 -22.97 3.05
C ARG A 559 4.33 -24.23 3.30
N GLY A 560 3.68 -25.34 3.61
CA GLY A 560 4.39 -26.54 3.96
C GLY A 560 3.94 -27.72 3.12
N GLU A 561 4.08 -28.92 3.65
CA GLU A 561 3.88 -30.12 2.88
C GLU A 561 2.40 -30.30 2.52
N ALA A 562 2.14 -31.26 1.63
CA ALA A 562 0.79 -31.55 1.20
C ALA A 562 -0.11 -31.86 2.39
N CYS A 563 -1.36 -31.42 2.32
CA CYS A 563 -2.30 -31.62 3.41
C CYS A 563 -3.72 -31.44 2.87
N GLU A 564 -4.67 -32.00 3.63
CA GLU A 564 -6.09 -31.80 3.40
C GLU A 564 -6.69 -31.02 4.56
N VAL A 565 -7.58 -30.09 4.26
CA VAL A 565 -8.16 -29.21 5.25
C VAL A 565 -9.66 -29.17 5.04
N VAL A 566 -10.43 -29.41 6.09
CA VAL A 566 -11.87 -29.31 6.01
C VAL A 566 -12.28 -27.86 6.19
N ILE A 567 -13.14 -27.39 5.30
CA ILE A 567 -13.70 -26.05 5.36
C ILE A 567 -15.16 -26.21 5.76
N GLU A 568 -15.49 -25.77 6.97
CA GLU A 568 -16.88 -25.79 7.42
C GLU A 568 -17.77 -25.01 6.47
N ASP A 569 -19.02 -25.46 6.35
CA ASP A 569 -20.01 -24.74 5.55
C ASP A 569 -20.02 -23.28 5.95
N SER A 570 -19.81 -22.42 4.97
CA SER A 570 -19.85 -21.01 5.20
C SER A 570 -20.83 -20.37 4.24
N PRO A 571 -21.79 -19.60 4.72
CA PRO A 571 -22.68 -18.87 3.80
C PRO A 571 -21.93 -17.97 2.84
N LEU A 572 -20.70 -17.54 3.19
CA LEU A 572 -19.90 -16.78 2.25
C LEU A 572 -19.46 -17.62 1.05
N LEU A 573 -19.38 -18.95 1.22
CA LEU A 573 -18.93 -19.87 0.17
C LEU A 573 -20.06 -20.64 -0.48
N ASP A 574 -21.32 -20.21 -0.29
CA ASP A 574 -22.48 -20.92 -0.84
C ASP A 574 -22.74 -20.38 -2.24
N VAL A 575 -22.09 -20.98 -3.25
CA VAL A 575 -22.13 -20.49 -4.62
C VAL A 575 -22.56 -21.61 -5.56
N ASN A 576 -22.78 -21.26 -6.82
CA ASN A 576 -23.13 -22.26 -7.82
C ASN A 576 -22.01 -23.28 -7.98
N GLY A 577 -20.79 -22.80 -8.16
CA GLY A 577 -19.63 -23.67 -8.17
C GLY A 577 -18.36 -22.86 -8.17
N TRP A 578 -17.24 -23.58 -8.11
CA TRP A 578 -15.91 -22.97 -8.10
C TRP A 578 -15.12 -23.40 -9.33
N GLN A 579 -14.50 -22.44 -10.00
CA GLN A 579 -13.63 -22.67 -11.14
C GLN A 579 -12.20 -22.34 -10.74
N LEU A 580 -11.32 -23.34 -10.75
CA LEU A 580 -9.93 -23.11 -10.41
C LEU A 580 -9.24 -22.32 -11.52
N LYS A 581 -8.49 -21.28 -11.14
CA LYS A 581 -7.84 -20.38 -12.09
C LYS A 581 -6.33 -20.36 -12.00
N GLU A 582 -5.76 -20.79 -10.88
CA GLU A 582 -4.32 -20.71 -10.65
C GLU A 582 -3.97 -21.63 -9.51
N GLY A 583 -2.86 -22.36 -9.65
CA GLY A 583 -2.45 -23.35 -8.69
C GLY A 583 -3.11 -24.70 -8.92
N ALA A 584 -2.61 -25.70 -8.18
CA ALA A 584 -3.03 -27.10 -8.31
C ALA A 584 -3.84 -27.60 -7.11
N GLY A 585 -4.40 -26.71 -6.30
CA GLY A 585 -5.31 -27.13 -5.26
C GLY A 585 -6.63 -27.64 -5.82
N ALA A 586 -7.32 -28.46 -5.02
CA ALA A 586 -8.62 -29.03 -5.40
C ALA A 586 -9.61 -28.88 -4.25
N LEU A 587 -10.78 -28.32 -4.55
CA LEU A 587 -11.86 -28.15 -3.59
C LEU A 587 -13.01 -29.09 -3.94
N HIS A 588 -13.43 -29.91 -2.97
CA HIS A 588 -14.53 -30.82 -3.22
C HIS A 588 -15.17 -31.25 -1.91
N ASP A 589 -16.49 -31.06 -1.81
CA ASP A 589 -17.29 -31.43 -0.65
C ASP A 589 -16.65 -30.92 0.64
N GLY A 590 -16.33 -29.62 0.64
CA GLY A 590 -15.79 -28.98 1.83
C GLY A 590 -14.40 -29.41 2.21
N VAL A 591 -13.70 -30.16 1.36
CA VAL A 591 -12.34 -30.60 1.61
C VAL A 591 -11.41 -29.91 0.62
N LEU A 592 -10.39 -29.26 1.13
CA LEU A 592 -9.37 -28.61 0.33
C LEU A 592 -8.16 -29.54 0.27
N THR A 593 -7.83 -30.01 -0.94
CA THR A 593 -6.63 -30.81 -1.18
C THR A 593 -5.53 -29.88 -1.69
N LEU A 594 -4.54 -29.61 -0.85
CA LEU A 594 -3.54 -28.60 -1.17
C LEU A 594 -2.17 -29.25 -1.30
N PRO A 595 -1.54 -29.20 -2.47
CA PRO A 595 -0.17 -29.70 -2.62
C PRO A 595 0.78 -28.89 -1.76
N ALA A 596 1.94 -29.49 -1.53
CA ALA A 596 2.97 -28.85 -0.72
C ALA A 596 3.43 -27.55 -1.36
N ILE A 597 3.59 -26.52 -0.53
CA ILE A 597 4.09 -25.23 -0.97
C ILE A 597 3.28 -24.76 -2.18
N SER A 598 2.01 -24.46 -1.97
CA SER A 598 1.13 -24.10 -3.05
C SER A 598 0.24 -22.94 -2.67
N ALA A 599 -0.26 -22.26 -3.70
CA ALA A 599 -1.30 -21.25 -3.59
C ALA A 599 -2.27 -21.46 -4.73
N SER A 600 -3.57 -21.54 -4.40
CA SER A 600 -4.61 -21.72 -5.39
C SER A 600 -5.65 -20.61 -5.28
N VAL A 601 -6.20 -20.27 -6.44
CA VAL A 601 -7.20 -19.22 -6.58
C VAL A 601 -8.38 -19.81 -7.36
N TRP A 602 -9.56 -19.84 -6.73
CA TRP A 602 -10.80 -20.21 -7.37
C TRP A 602 -11.67 -18.99 -7.58
N PHE A 603 -12.33 -18.92 -8.74
CA PHE A 603 -13.36 -17.92 -9.02
C PHE A 603 -14.70 -18.62 -8.95
N SER A 604 -15.69 -17.93 -8.43
CA SER A 604 -16.99 -18.59 -8.29
C SER A 604 -17.77 -18.58 -9.63
N ARG A 605 -18.61 -19.60 -9.82
CA ARG A 605 -19.33 -19.84 -11.09
C ARG A 605 -20.80 -19.39 -11.05
#